data_7X1N
#
_entry.id   7X1N
#
_cell.length_a   74.863
_cell.length_b   75.651
_cell.length_c   111.102
_cell.angle_alpha   90.000
_cell.angle_beta   90.000
_cell.angle_gamma   90.000
#
_symmetry.space_group_name_H-M   'P 21 21 2'
#
loop_
_entity.id
_entity.type
_entity.pdbx_description
1 polymer "DNA (5'-D(P*AP*AP*CP*TP*AP*TP*TP*TP*AP*TP*AP*AP*G)-3')"
2 polymer "DNA (5'-D(P*TP*CP*TP*TP*AP*TP*AP*AP*AP*TP*AP*GP*T)-3')"
3 polymer 'Myocyte enhancer factor 2D/deleted in azoospermia associated protein 1 fusion protein'
4 water water
#
loop_
_entity_poly.entity_id
_entity_poly.type
_entity_poly.pdbx_seq_one_letter_code
_entity_poly.pdbx_strand_id
1 'polydeoxyribonucleotide' (DA)(DA)(DC)(DT)(DA)(DT)(DT)(DT)(DA)(DT)(DA)(DA)(DG)(DA) K,E
2 'polydeoxyribonucleotide' (DT)(DT)(DC)(DT)(DT)(DA)(DT)(DA)(DA)(DA)(DT)(DA)(DG)(DT)(DT) L,F
3 'polypeptide(L)'
;GSEFGRKKIQIQRITDERNRQVTFTKRKFGLMKKAYELSVLCDCEIALIIFNHSNKLFQYASTDMDKVLLKYTEYNEPHE
SRTNADIIETLRKKGFNG
;
B,C,A,D
#
# COMPACT_ATOMS: atom_id res chain seq x y z
N LYS E 8 -23.37 24.32 14.12
CA LYS E 8 -23.05 23.47 12.98
C LYS E 8 -21.62 23.70 12.52
N ILE E 9 -21.10 22.77 11.73
CA ILE E 9 -19.85 22.96 11.01
C ILE E 9 -20.10 22.68 9.54
N GLN E 10 -19.31 23.33 8.69
CA GLN E 10 -19.17 22.92 7.30
C GLN E 10 -18.07 21.88 7.20
N ILE E 11 -18.27 20.89 6.33
CA ILE E 11 -17.24 19.88 6.10
C ILE E 11 -16.14 20.50 5.24
N GLN E 12 -15.20 21.21 5.88
CA GLN E 12 -14.18 21.92 5.13
C GLN E 12 -12.99 22.18 6.03
N ARG E 13 -11.80 22.20 5.42
CA ARG E 13 -10.57 22.38 6.18
C ARG E 13 -10.68 23.57 7.13
N ILE E 14 -10.56 23.29 8.43
CA ILE E 14 -10.42 24.33 9.44
C ILE E 14 -9.17 25.15 9.10
N THR E 15 -9.37 26.39 8.65
CA THR E 15 -8.22 27.21 8.25
C THR E 15 -7.42 27.71 9.45
N ASP E 16 -8.07 27.83 10.61
CA ASP E 16 -7.36 28.22 11.82
C ASP E 16 -6.45 27.08 12.28
N GLU E 17 -5.33 27.44 12.88
CA GLU E 17 -4.34 26.45 13.27
C GLU E 17 -4.62 25.85 14.65
N ARG E 18 -4.95 26.69 15.62
CA ARG E 18 -5.26 26.22 16.97
C ARG E 18 -6.61 25.54 17.04
N ASN E 19 -7.48 25.79 16.06
CA ASN E 19 -8.76 25.10 15.99
C ASN E 19 -8.58 23.64 15.58
N ARG E 20 -8.09 23.41 14.36
CA ARG E 20 -7.98 22.06 13.83
C ARG E 20 -7.19 21.15 14.77
N GLN E 21 -6.14 21.69 15.40
CA GLN E 21 -5.34 20.92 16.34
C GLN E 21 -6.06 20.67 17.66
N VAL E 22 -7.29 21.14 17.79
CA VAL E 22 -8.14 20.84 18.94
C VAL E 22 -9.29 19.94 18.55
N THR E 23 -10.03 20.32 17.50
CA THR E 23 -11.02 19.42 16.90
C THR E 23 -10.41 18.03 16.73
N PHE E 24 -9.30 17.95 16.01
CA PHE E 24 -8.53 16.71 15.89
C PHE E 24 -8.39 15.99 17.22
N THR E 25 -7.66 16.61 18.15
CA THR E 25 -7.29 15.95 19.39
C THR E 25 -8.48 15.35 20.13
N LYS E 26 -9.70 15.80 19.84
CA LYS E 26 -10.90 15.25 20.46
C LYS E 26 -11.75 14.46 19.47
N ARG E 27 -12.01 15.01 18.28
CA ARG E 27 -12.79 14.26 17.29
C ARG E 27 -12.19 12.87 17.07
N LYS E 28 -10.86 12.75 17.16
CA LYS E 28 -10.22 11.45 16.93
C LYS E 28 -10.55 10.48 18.06
N PHE E 29 -10.39 10.91 19.31
CA PHE E 29 -10.84 10.09 20.42
C PHE E 29 -12.28 9.64 20.20
N GLY E 30 -13.09 10.48 19.57
CA GLY E 30 -14.45 10.05 19.22
C GLY E 30 -14.46 8.90 18.24
N LEU E 31 -13.74 9.05 17.13
CA LEU E 31 -13.55 7.92 16.21
C LEU E 31 -13.14 6.67 16.96
N MET E 32 -12.14 6.78 17.85
CA MET E 32 -11.68 5.63 18.60
C MET E 32 -12.78 5.08 19.50
N LYS E 33 -13.52 5.96 20.18
CA LYS E 33 -14.69 5.53 20.94
C LYS E 33 -15.66 4.78 20.04
N LYS E 34 -16.19 5.46 19.02
CA LYS E 34 -17.18 4.84 18.13
C LYS E 34 -16.67 3.51 17.61
N ALA E 35 -15.36 3.40 17.36
CA ALA E 35 -14.78 2.14 16.93
C ALA E 35 -14.81 1.12 18.06
N TYR E 36 -14.26 1.48 19.23
CA TYR E 36 -14.29 0.59 20.38
C TYR E 36 -15.69 0.03 20.62
N GLU E 37 -16.70 0.88 20.50
CA GLU E 37 -18.07 0.45 20.76
C GLU E 37 -18.51 -0.56 19.71
N LEU E 38 -18.44 -0.19 18.43
CA LEU E 38 -18.75 -1.12 17.35
C LEU E 38 -17.95 -2.41 17.50
N SER E 39 -16.65 -2.29 17.74
CA SER E 39 -15.80 -3.45 18.00
C SER E 39 -16.47 -4.45 18.93
N VAL E 40 -16.97 -3.98 20.07
CA VAL E 40 -17.52 -4.88 21.08
C VAL E 40 -18.91 -5.34 20.67
N LEU E 41 -19.81 -4.39 20.41
CA LEU E 41 -21.19 -4.73 20.09
C LEU E 41 -21.28 -5.86 19.07
N CYS E 42 -20.75 -5.62 17.87
CA CYS E 42 -20.93 -6.50 16.74
C CYS E 42 -19.83 -7.55 16.62
N ASP E 43 -18.95 -7.64 17.63
CA ASP E 43 -17.90 -8.65 17.64
C ASP E 43 -17.10 -8.61 16.34
N CYS E 44 -16.18 -7.66 16.23
CA CYS E 44 -15.42 -7.48 15.01
C CYS E 44 -14.06 -6.88 15.32
N GLU E 45 -13.11 -7.13 14.42
CA GLU E 45 -11.77 -6.58 14.52
C GLU E 45 -11.72 -5.27 13.74
N ILE E 46 -11.16 -4.24 14.36
CA ILE E 46 -11.08 -2.91 13.76
C ILE E 46 -9.68 -2.36 13.97
N ALA E 47 -9.23 -1.56 13.02
CA ALA E 47 -7.89 -0.98 13.10
C ALA E 47 -7.93 0.40 12.47
N LEU E 48 -7.52 1.40 13.25
CA LEU E 48 -7.53 2.79 12.84
C LEU E 48 -6.10 3.31 12.70
N ILE E 49 -5.87 4.08 11.64
CA ILE E 49 -4.58 4.67 11.37
C ILE E 49 -4.79 6.12 10.98
N ILE E 50 -4.16 7.04 11.71
CA ILE E 50 -4.37 8.47 11.52
C ILE E 50 -3.01 9.15 11.49
N PHE E 51 -2.67 9.76 10.35
CA PHE E 51 -1.54 10.68 10.25
C PHE E 51 -2.08 12.11 10.21
N ASN E 52 -1.64 12.95 11.14
CA ASN E 52 -2.08 14.34 11.11
C ASN E 52 -1.46 15.04 9.91
N HIS E 53 -1.62 16.37 9.83
CA HIS E 53 -1.05 17.11 8.72
C HIS E 53 0.48 17.06 8.75
N SER E 54 1.07 16.85 9.93
CA SER E 54 2.52 16.76 10.08
C SER E 54 2.99 15.33 10.30
N ASN E 55 2.30 14.37 9.67
CA ASN E 55 2.78 12.99 9.53
C ASN E 55 3.19 12.36 10.86
N LYS E 56 2.53 12.72 11.95
CA LYS E 56 2.70 12.03 13.23
C LYS E 56 1.62 10.98 13.35
N LEU E 57 2.00 9.78 13.77
CA LEU E 57 1.10 8.63 13.75
C LEU E 57 0.25 8.56 15.00
N PHE E 58 -1.01 8.19 14.81
CA PHE E 58 -1.91 7.80 15.89
C PHE E 58 -2.68 6.58 15.42
N GLN E 59 -2.80 5.58 16.30
CA GLN E 59 -3.36 4.30 15.88
C GLN E 59 -4.28 3.73 16.95
N TYR E 60 -5.27 2.97 16.50
CA TYR E 60 -6.15 2.22 17.37
C TYR E 60 -6.39 0.85 16.76
N ALA E 61 -6.52 -0.15 17.62
CA ALA E 61 -6.91 -1.49 17.18
C ALA E 61 -7.69 -2.16 18.29
N SER E 62 -8.85 -2.72 17.94
CA SER E 62 -9.61 -3.49 18.93
C SER E 62 -8.76 -4.60 19.52
N THR E 63 -8.03 -5.32 18.68
CA THR E 63 -7.17 -6.42 19.10
C THR E 63 -5.74 -6.16 18.63
N ASP E 64 -5.08 -7.18 18.08
CA ASP E 64 -3.66 -7.09 17.75
C ASP E 64 -3.50 -6.39 16.41
N MET E 65 -2.84 -5.22 16.41
CA MET E 65 -2.78 -4.40 15.22
C MET E 65 -2.22 -5.16 14.02
N ASP E 66 -1.06 -5.78 14.19
CA ASP E 66 -0.38 -6.39 13.04
C ASP E 66 -1.06 -7.66 12.58
N LYS E 67 -1.69 -8.39 13.51
CA LYS E 67 -2.56 -9.51 13.12
C LYS E 67 -3.62 -9.05 12.13
N VAL E 68 -4.18 -7.86 12.33
CA VAL E 68 -5.23 -7.37 11.46
C VAL E 68 -4.65 -6.85 10.14
N LEU E 69 -3.60 -6.03 10.23
CA LEU E 69 -2.95 -5.53 9.02
C LEU E 69 -2.51 -6.66 8.10
N LEU E 70 -2.20 -7.83 8.65
CA LEU E 70 -1.83 -9.00 7.86
C LEU E 70 -3.06 -9.54 7.13
N LYS E 71 -4.01 -10.07 7.90
CA LYS E 71 -5.32 -10.47 7.41
C LYS E 71 -5.81 -9.57 6.28
N TYR E 72 -5.53 -8.27 6.39
CA TYR E 72 -5.94 -7.35 5.34
C TYR E 72 -5.17 -7.61 4.05
N THR E 73 -3.84 -7.72 4.15
CA THR E 73 -3.04 -7.95 2.95
C THR E 73 -3.40 -9.26 2.29
N GLU E 74 -3.68 -10.29 3.10
CA GLU E 74 -4.05 -11.59 2.56
C GLU E 74 -5.38 -11.53 1.82
N TYR E 75 -6.29 -10.66 2.26
CA TYR E 75 -7.66 -10.65 1.74
C TYR E 75 -7.66 -10.52 0.23
N ASN E 76 -8.31 -11.47 -0.44
CA ASN E 76 -8.30 -11.58 -1.89
C ASN E 76 -9.67 -11.38 -2.52
N GLU E 77 -10.76 -11.60 -1.80
CA GLU E 77 -12.10 -11.40 -2.33
C GLU E 77 -12.36 -9.92 -2.57
N PRO E 78 -13.44 -9.58 -3.27
CA PRO E 78 -13.92 -8.19 -3.28
C PRO E 78 -14.61 -7.84 -1.95
N HIS E 79 -14.64 -6.54 -1.67
CA HIS E 79 -15.06 -6.08 -0.34
C HIS E 79 -15.45 -4.62 -0.40
N GLU E 80 -16.19 -4.19 0.62
CA GLU E 80 -16.59 -2.79 0.71
C GLU E 80 -15.34 -1.91 0.80
N SER E 81 -15.27 -0.90 -0.06
CA SER E 81 -14.09 -0.04 -0.15
C SER E 81 -14.53 1.39 -0.39
N ARG E 82 -14.62 2.17 0.68
CA ARG E 82 -15.10 3.54 0.62
C ARG E 82 -13.94 4.52 0.61
N THR E 83 -14.18 5.67 -0.01
CA THR E 83 -13.26 6.80 -0.01
C THR E 83 -14.02 8.02 0.46
N ASN E 84 -13.30 9.13 0.64
CA ASN E 84 -14.00 10.38 0.89
C ASN E 84 -14.94 10.72 -0.26
N ALA E 85 -14.60 10.29 -1.47
CA ALA E 85 -15.49 10.51 -2.60
C ALA E 85 -16.80 9.75 -2.42
N ASP E 86 -16.71 8.46 -2.12
CA ASP E 86 -17.91 7.65 -1.94
C ASP E 86 -18.86 8.28 -0.93
N ILE E 87 -18.30 8.89 0.11
CA ILE E 87 -19.12 9.43 1.21
C ILE E 87 -19.64 10.82 0.88
N ILE E 88 -18.82 11.63 0.20
CA ILE E 88 -19.33 12.87 -0.38
C ILE E 88 -20.59 12.60 -1.18
N GLU E 89 -20.49 11.68 -2.13
CA GLU E 89 -21.60 11.37 -3.04
C GLU E 89 -22.69 10.52 -2.41
N THR E 90 -22.53 10.13 -1.15
CA THR E 90 -23.61 9.49 -0.40
C THR E 90 -24.31 10.47 0.53
N LEU E 91 -23.64 11.55 0.91
CA LEU E 91 -24.27 12.65 1.62
C LEU E 91 -24.76 13.74 0.69
N ARG E 92 -24.16 13.87 -0.50
CA ARG E 92 -24.71 14.76 -1.52
C ARG E 92 -26.05 14.23 -2.02
N LYS E 93 -26.16 12.92 -2.22
CA LYS E 93 -27.43 12.28 -2.58
C LYS E 93 -28.24 11.99 -1.31
N LYS E 94 -28.55 13.07 -0.58
CA LYS E 94 -29.22 12.99 0.71
C LYS E 94 -29.63 14.42 1.07
N GLY E 95 -30.74 14.87 0.50
CA GLY E 95 -31.20 16.23 0.71
C GLY E 95 -32.58 16.48 0.15
N GLY F 5 -30.65 7.29 20.51
CA GLY F 5 -31.27 5.99 20.66
C GLY F 5 -32.47 6.01 21.60
N ARG F 6 -33.54 5.31 21.20
CA ARG F 6 -34.76 5.30 21.99
C ARG F 6 -34.49 4.90 23.44
N LYS F 7 -33.51 4.04 23.66
CA LYS F 7 -33.05 3.67 25.01
C LYS F 7 -31.58 3.31 24.91
N LYS F 8 -30.77 3.84 25.83
CA LYS F 8 -29.34 3.62 25.77
C LYS F 8 -29.01 2.14 25.95
N ILE F 9 -27.80 1.77 25.55
CA ILE F 9 -27.38 0.37 25.55
C ILE F 9 -26.04 0.21 26.25
N GLN F 10 -25.82 -1.00 26.75
CA GLN F 10 -24.55 -1.38 27.34
C GLN F 10 -23.54 -1.69 26.25
N ILE F 11 -22.28 -1.34 26.49
CA ILE F 11 -21.19 -1.76 25.60
C ILE F 11 -20.92 -3.23 25.88
N GLN F 12 -21.53 -4.12 25.09
CA GLN F 12 -21.59 -5.54 25.42
C GLN F 12 -22.06 -6.30 24.19
N ARG F 13 -21.55 -7.52 24.04
CA ARG F 13 -21.90 -8.36 22.90
C ARG F 13 -23.42 -8.39 22.70
N ILE F 14 -23.87 -7.89 21.55
CA ILE F 14 -25.26 -8.04 21.14
C ILE F 14 -25.52 -9.51 20.86
N THR F 15 -26.20 -10.20 21.78
CA THR F 15 -26.38 -11.64 21.62
C THR F 15 -27.40 -11.97 20.53
N ASP F 16 -28.31 -11.05 20.25
CA ASP F 16 -29.23 -11.22 19.13
C ASP F 16 -28.46 -11.14 17.82
N GLU F 17 -28.91 -11.92 16.84
CA GLU F 17 -28.19 -12.01 15.58
C GLU F 17 -28.60 -10.93 14.59
N ARG F 18 -29.90 -10.71 14.42
CA ARG F 18 -30.38 -9.68 13.51
C ARG F 18 -30.17 -8.28 14.07
N ASN F 19 -29.93 -8.17 15.39
CA ASN F 19 -29.59 -6.88 15.98
C ASN F 19 -28.17 -6.47 15.61
N ARG F 20 -27.17 -7.24 16.06
CA ARG F 20 -25.78 -6.84 15.90
C ARG F 20 -25.46 -6.49 14.44
N GLN F 21 -25.89 -7.34 13.51
CA GLN F 21 -25.63 -7.11 12.10
C GLN F 21 -26.55 -6.06 11.50
N VAL F 22 -27.28 -5.32 12.33
CA VAL F 22 -27.92 -4.07 11.95
C VAL F 22 -27.19 -2.87 12.56
N THR F 23 -27.01 -2.89 13.88
CA THR F 23 -26.11 -1.94 14.53
C THR F 23 -24.82 -1.79 13.73
N PHE F 24 -24.11 -2.92 13.53
CA PHE F 24 -22.96 -2.98 12.66
C PHE F 24 -23.15 -2.20 11.36
N THR F 25 -24.06 -2.69 10.51
CA THR F 25 -24.21 -2.14 9.18
C THR F 25 -24.41 -0.63 9.16
N LYS F 26 -24.86 -0.05 10.28
CA LYS F 26 -25.08 1.39 10.37
C LYS F 26 -24.02 2.08 11.21
N ARG F 27 -23.71 1.56 12.40
CA ARG F 27 -22.68 2.17 13.22
C ARG F 27 -21.36 2.26 12.47
N LYS F 28 -21.11 1.35 11.53
CA LYS F 28 -19.87 1.44 10.77
C LYS F 28 -19.90 2.62 9.81
N PHE F 29 -21.02 2.83 9.11
CA PHE F 29 -21.14 3.99 8.25
C PHE F 29 -20.95 5.27 9.05
N GLY F 30 -21.32 5.25 10.33
CA GLY F 30 -21.03 6.36 11.21
C GLY F 30 -19.53 6.55 11.33
N LEU F 31 -18.83 5.51 11.78
CA LEU F 31 -17.38 5.55 11.84
C LEU F 31 -16.77 6.17 10.59
N MET F 32 -17.11 5.61 9.42
CA MET F 32 -16.61 6.15 8.16
C MET F 32 -16.96 7.63 8.05
N LYS F 33 -18.22 7.98 8.31
CA LYS F 33 -18.62 9.38 8.36
C LYS F 33 -17.70 10.16 9.29
N LYS F 34 -17.76 9.87 10.59
CA LYS F 34 -16.94 10.61 11.56
C LYS F 34 -15.49 10.69 11.11
N ALA F 35 -14.98 9.64 10.45
CA ALA F 35 -13.63 9.66 9.91
C ALA F 35 -13.54 10.64 8.74
N TYR F 36 -14.37 10.45 7.73
CA TYR F 36 -14.44 11.35 6.59
C TYR F 36 -14.45 12.80 7.04
N GLU F 37 -15.27 13.10 8.05
CA GLU F 37 -15.32 14.47 8.57
C GLU F 37 -13.96 14.89 9.12
N LEU F 38 -13.48 14.17 10.14
CA LEU F 38 -12.16 14.47 10.71
C LEU F 38 -11.11 14.58 9.62
N SER F 39 -11.09 13.62 8.70
CA SER F 39 -10.17 13.67 7.56
C SER F 39 -10.13 15.05 6.93
N VAL F 40 -11.31 15.62 6.66
CA VAL F 40 -11.37 16.90 5.96
C VAL F 40 -11.08 18.05 6.91
N LEU F 41 -11.84 18.14 8.00
CA LEU F 41 -11.66 19.21 8.96
C LEU F 41 -10.19 19.42 9.29
N CYS F 42 -9.59 18.45 9.96
CA CYS F 42 -8.23 18.59 10.48
C CYS F 42 -7.17 18.16 9.47
N ASP F 43 -7.53 17.99 8.20
CA ASP F 43 -6.55 17.78 7.14
C ASP F 43 -5.55 16.69 7.54
N CYS F 44 -5.94 15.44 7.37
CA CYS F 44 -5.13 14.32 7.82
C CYS F 44 -5.49 13.08 7.02
N GLU F 45 -4.56 12.14 7.00
CA GLU F 45 -4.75 10.85 6.35
C GLU F 45 -5.31 9.86 7.36
N ILE F 46 -6.32 9.09 6.96
CA ILE F 46 -6.95 8.11 7.83
C ILE F 46 -7.22 6.84 7.04
N ALA F 47 -7.22 5.72 7.76
CA ALA F 47 -7.41 4.40 7.15
C ALA F 47 -8.11 3.50 8.15
N LEU F 48 -9.24 2.93 7.75
CA LEU F 48 -10.04 2.07 8.61
C LEU F 48 -10.06 0.66 8.04
N ILE F 49 -10.07 -0.33 8.94
CA ILE F 49 -10.07 -1.74 8.55
C ILE F 49 -10.99 -2.48 9.50
N ILE F 50 -12.05 -3.09 8.96
CA ILE F 50 -13.08 -3.75 9.77
C ILE F 50 -13.32 -5.14 9.21
N PHE F 51 -13.08 -6.15 10.04
CA PHE F 51 -13.49 -7.52 9.77
C PHE F 51 -14.65 -7.86 10.70
N ASN F 52 -15.77 -8.32 10.14
CA ASN F 52 -16.86 -8.77 10.99
C ASN F 52 -16.50 -10.12 11.62
N HIS F 53 -17.47 -10.71 12.34
CA HIS F 53 -17.23 -11.99 12.98
C HIS F 53 -16.92 -13.09 11.98
N SER F 54 -17.39 -12.93 10.73
CA SER F 54 -17.15 -13.90 9.68
C SER F 54 -16.11 -13.39 8.68
N ASN F 55 -15.18 -12.57 9.14
CA ASN F 55 -13.97 -12.23 8.41
C ASN F 55 -14.26 -11.72 6.99
N LYS F 56 -15.37 -11.01 6.82
CA LYS F 56 -15.60 -10.23 5.62
C LYS F 56 -15.03 -8.83 5.86
N LEU F 57 -14.28 -8.33 4.88
CA LEU F 57 -13.56 -7.07 5.04
C LEU F 57 -14.46 -5.89 4.71
N PHE F 58 -14.26 -4.80 5.44
CA PHE F 58 -14.81 -3.49 5.11
C PHE F 58 -13.72 -2.47 5.38
N GLN F 59 -13.53 -1.54 4.45
CA GLN F 59 -12.39 -0.63 4.53
C GLN F 59 -12.77 0.78 4.14
N TYR F 60 -12.04 1.73 4.72
CA TYR F 60 -12.15 3.13 4.37
C TYR F 60 -10.76 3.77 4.38
N ALA F 61 -10.58 4.77 3.52
CA ALA F 61 -9.36 5.56 3.53
C ALA F 61 -9.69 6.95 2.99
N SER F 62 -9.31 7.98 3.73
CA SER F 62 -9.50 9.34 3.24
C SER F 62 -8.93 9.48 1.84
N THR F 63 -7.72 8.95 1.62
CA THR F 63 -7.07 8.99 0.31
C THR F 63 -6.72 7.58 -0.15
N ASP F 64 -5.46 7.33 -0.50
CA ASP F 64 -5.04 6.02 -0.99
C ASP F 64 -4.84 5.10 0.21
N MET F 65 -5.69 4.08 0.32
CA MET F 65 -5.63 3.18 1.47
C MET F 65 -4.22 2.61 1.67
N ASP F 66 -3.67 1.98 0.64
CA ASP F 66 -2.40 1.28 0.78
C ASP F 66 -1.25 2.25 1.03
N LYS F 67 -1.28 3.42 0.38
CA LYS F 67 -0.26 4.44 0.63
C LYS F 67 -0.16 4.74 2.12
N VAL F 68 -1.30 4.78 2.81
CA VAL F 68 -1.31 5.08 4.25
C VAL F 68 -0.79 3.88 5.03
N LEU F 69 -1.33 2.69 4.75
CA LEU F 69 -0.88 1.50 5.45
C LEU F 69 0.61 1.26 5.25
N LEU F 70 1.17 1.74 4.15
CA LEU F 70 2.61 1.67 3.92
C LEU F 70 3.33 2.61 4.86
N LYS F 71 3.12 3.92 4.65
CA LYS F 71 3.59 4.96 5.55
C LYS F 71 3.59 4.48 6.99
N TYR F 72 2.55 3.72 7.36
CA TYR F 72 2.45 3.24 8.73
C TYR F 72 3.55 2.22 9.04
N THR F 73 3.70 1.20 8.19
CA THR F 73 4.72 0.19 8.45
C THR F 73 6.12 0.81 8.46
N GLU F 74 6.31 1.88 7.69
CA GLU F 74 7.61 2.55 7.65
C GLU F 74 7.85 3.43 8.88
N TYR F 75 6.79 3.76 9.62
CA TYR F 75 6.92 4.65 10.77
C TYR F 75 7.76 4.00 11.86
N ASN F 76 8.80 4.72 12.31
CA ASN F 76 9.77 4.16 13.24
C ASN F 76 9.81 4.84 14.60
N GLU F 77 9.32 6.09 14.71
CA GLU F 77 9.26 6.75 16.00
C GLU F 77 8.24 6.07 16.90
N PRO F 78 8.20 6.41 18.18
CA PRO F 78 7.05 6.06 19.02
C PRO F 78 5.84 6.93 18.70
N HIS F 79 4.66 6.40 19.03
CA HIS F 79 3.42 7.03 18.59
C HIS F 79 2.27 6.62 19.50
N GLU F 80 1.19 7.41 19.44
CA GLU F 80 -0.01 7.07 20.18
C GLU F 80 -0.54 5.72 19.69
N SER F 81 -0.86 4.84 20.64
CA SER F 81 -1.25 3.47 20.30
C SER F 81 -2.30 3.03 21.31
N ARG F 82 -3.57 3.13 20.93
CA ARG F 82 -4.68 2.85 21.82
C ARG F 82 -5.25 1.46 21.55
N THR F 83 -5.88 0.90 22.60
CA THR F 83 -6.68 -0.31 22.48
C THR F 83 -8.04 -0.05 23.13
N ASN F 84 -8.92 -1.04 23.02
CA ASN F 84 -10.17 -0.99 23.77
C ASN F 84 -9.89 -0.76 25.25
N ALA F 85 -8.82 -1.35 25.78
CA ALA F 85 -8.47 -1.17 27.18
C ALA F 85 -8.23 0.30 27.49
N ASP F 86 -7.35 0.96 26.72
CA ASP F 86 -7.03 2.34 26.98
C ASP F 86 -8.28 3.22 27.01
N ILE F 87 -9.26 2.90 26.16
CA ILE F 87 -10.45 3.72 26.04
C ILE F 87 -11.47 3.36 27.10
N ILE F 88 -11.58 2.06 27.42
CA ILE F 88 -12.33 1.64 28.59
C ILE F 88 -11.90 2.45 29.80
N GLU F 89 -10.59 2.43 30.08
CA GLU F 89 -10.04 3.07 31.27
C GLU F 89 -9.94 4.58 31.15
N THR F 90 -10.31 5.16 30.01
CA THR F 90 -10.46 6.60 29.87
C THR F 90 -11.90 7.05 30.04
N LEU F 91 -12.86 6.15 29.78
CA LEU F 91 -14.26 6.39 30.06
C LEU F 91 -14.68 5.85 31.42
N ARG F 92 -13.96 4.85 31.95
CA ARG F 92 -14.20 4.41 33.32
C ARG F 92 -13.73 5.46 34.31
N LYS F 93 -12.59 6.10 34.05
CA LYS F 93 -12.11 7.22 34.84
C LYS F 93 -12.76 8.52 34.34
N LYS F 94 -14.10 8.54 34.40
CA LYS F 94 -14.91 9.65 33.93
C LYS F 94 -16.32 9.45 34.45
N GLY F 95 -16.51 9.67 35.75
CA GLY F 95 -17.75 9.35 36.44
C GLY F 95 -17.50 8.38 37.57
N PHE F 96 -18.55 8.17 38.36
CA PHE F 96 -18.52 7.16 39.41
C PHE F 96 -19.56 6.07 39.15
N LYS G 8 29.34 -3.04 -28.87
CA LYS G 8 28.91 -3.28 -27.50
C LYS G 8 29.65 -2.35 -26.54
N ILE G 9 29.09 -2.15 -25.35
CA ILE G 9 29.75 -1.46 -24.27
C ILE G 9 29.80 -2.38 -23.07
N GLN G 10 30.85 -2.24 -22.27
CA GLN G 10 30.92 -2.95 -21.00
C GLN G 10 30.19 -2.15 -19.92
N ILE G 11 29.55 -2.88 -18.99
CA ILE G 11 28.69 -2.27 -17.99
C ILE G 11 29.50 -1.35 -17.08
N GLN G 12 29.40 -0.05 -17.31
CA GLN G 12 30.13 0.93 -16.51
C GLN G 12 29.44 2.28 -16.66
N ARG G 13 29.57 3.11 -15.64
CA ARG G 13 28.93 4.42 -15.63
C ARG G 13 29.18 5.15 -16.94
N ILE G 14 28.08 5.50 -17.62
CA ILE G 14 28.13 6.36 -18.79
C ILE G 14 28.63 7.73 -18.34
N THR G 15 29.88 8.07 -18.66
CA THR G 15 30.42 9.34 -18.22
C THR G 15 29.83 10.51 -18.97
N ASP G 16 29.38 10.30 -20.21
CA ASP G 16 28.74 11.36 -20.98
C ASP G 16 27.37 11.67 -20.40
N GLU G 17 26.98 12.93 -20.50
CA GLU G 17 25.75 13.40 -19.86
C GLU G 17 24.52 13.22 -20.75
N ARG G 18 24.63 13.61 -22.03
CA ARG G 18 23.51 13.41 -22.95
C ARG G 18 23.32 11.93 -23.27
N ASN G 19 24.37 11.12 -23.11
CA ASN G 19 24.25 9.68 -23.31
C ASN G 19 23.37 9.04 -22.25
N ARG G 20 23.83 9.08 -21.00
CA ARG G 20 23.14 8.37 -19.92
C ARG G 20 21.68 8.79 -19.82
N GLN G 21 21.39 10.07 -20.05
CA GLN G 21 20.01 10.55 -20.01
C GLN G 21 19.20 10.09 -21.21
N VAL G 22 19.81 9.36 -22.15
CA VAL G 22 19.11 8.77 -23.27
C VAL G 22 19.02 7.25 -23.11
N THR G 23 20.17 6.59 -22.90
CA THR G 23 20.18 5.18 -22.51
C THR G 23 19.12 4.93 -21.46
N PHE G 24 19.24 5.62 -20.33
CA PHE G 24 18.23 5.61 -19.28
C PHE G 24 16.82 5.67 -19.86
N THR G 25 16.46 6.82 -20.44
CA THR G 25 15.09 7.05 -20.85
C THR G 25 14.52 5.93 -21.71
N LYS G 26 15.37 5.12 -22.34
CA LYS G 26 14.90 4.00 -23.14
C LYS G 26 15.19 2.65 -22.50
N ARG G 27 16.40 2.42 -22.00
CA ARG G 27 16.70 1.17 -21.32
C ARG G 27 15.70 0.88 -20.21
N LYS G 28 15.17 1.92 -19.57
CA LYS G 28 14.17 1.71 -18.53
C LYS G 28 12.85 1.21 -19.11
N PHE G 29 12.41 1.81 -20.22
CA PHE G 29 11.23 1.29 -20.91
C PHE G 29 11.42 -0.18 -21.24
N GLY G 30 12.65 -0.58 -21.55
CA GLY G 30 12.98 -1.99 -21.69
C GLY G 30 12.61 -2.75 -20.43
N LEU G 31 13.19 -2.33 -19.30
CA LEU G 31 12.89 -2.96 -18.02
C LEU G 31 11.39 -3.07 -17.79
N MET G 32 10.65 -1.99 -18.07
CA MET G 32 9.20 -2.02 -17.89
C MET G 32 8.56 -3.02 -18.84
N LYS G 33 9.02 -3.04 -20.09
CA LYS G 33 8.61 -4.04 -21.07
C LYS G 33 8.84 -5.44 -20.53
N LYS G 34 10.11 -5.83 -20.36
CA LYS G 34 10.42 -7.16 -19.87
C LYS G 34 9.57 -7.52 -18.65
N ALA G 35 9.35 -6.56 -17.76
CA ALA G 35 8.52 -6.80 -16.59
C ALA G 35 7.07 -7.05 -16.99
N TYR G 36 6.48 -6.11 -17.72
CA TYR G 36 5.14 -6.30 -18.25
C TYR G 36 4.97 -7.69 -18.86
N GLU G 37 5.97 -8.13 -19.64
CA GLU G 37 5.88 -9.42 -20.29
C GLU G 37 5.89 -10.55 -19.26
N LEU G 38 6.94 -10.61 -18.44
CA LEU G 38 6.98 -11.58 -17.35
C LEU G 38 5.70 -11.55 -16.54
N SER G 39 5.28 -10.35 -16.12
CA SER G 39 4.01 -10.18 -15.43
C SER G 39 2.91 -11.04 -16.04
N VAL G 40 2.71 -10.92 -17.35
CA VAL G 40 1.60 -11.61 -18.00
C VAL G 40 1.90 -13.09 -18.16
N LEU G 41 3.00 -13.41 -18.82
CA LEU G 41 3.38 -14.80 -19.09
C LEU G 41 3.17 -15.67 -17.86
N CYS G 42 3.94 -15.42 -16.81
CA CYS G 42 3.96 -16.29 -15.64
C CYS G 42 2.91 -15.93 -14.60
N ASP G 43 2.04 -14.97 -14.88
CA ASP G 43 0.96 -14.63 -13.96
C ASP G 43 1.55 -14.28 -12.59
N CYS G 44 2.06 -13.05 -12.45
CA CYS G 44 2.71 -12.66 -11.22
C CYS G 44 2.59 -11.15 -11.02
N GLU G 45 2.63 -10.73 -9.76
CA GLU G 45 2.63 -9.33 -9.38
C GLU G 45 4.07 -8.82 -9.35
N ILE G 46 4.27 -7.62 -9.89
CA ILE G 46 5.61 -7.02 -9.98
C ILE G 46 5.49 -5.54 -9.64
N ALA G 47 6.61 -4.98 -9.17
CA ALA G 47 6.67 -3.58 -8.80
C ALA G 47 8.09 -3.09 -8.99
N LEU G 48 8.26 -2.07 -9.82
CA LEU G 48 9.56 -1.51 -10.13
C LEU G 48 9.66 -0.09 -9.57
N ILE G 49 10.86 0.28 -9.13
CA ILE G 49 11.09 1.59 -8.52
C ILE G 49 12.45 2.08 -9.01
N ILE G 50 12.46 3.24 -9.68
CA ILE G 50 13.70 3.79 -10.21
C ILE G 50 13.80 5.25 -9.80
N PHE G 51 14.88 5.58 -9.07
CA PHE G 51 15.29 6.96 -8.83
C PHE G 51 16.53 7.25 -9.65
N ASN G 52 16.53 8.33 -10.42
CA ASN G 52 17.70 8.68 -11.20
C ASN G 52 18.77 9.28 -10.28
N HIS G 53 19.82 9.86 -10.87
CA HIS G 53 20.87 10.47 -10.06
C HIS G 53 20.36 11.71 -9.34
N SER G 54 19.29 12.32 -9.83
CA SER G 54 18.68 13.50 -9.22
C SER G 54 17.36 13.15 -8.54
N ASN G 55 17.24 11.91 -8.07
CA ASN G 55 16.18 11.51 -7.13
C ASN G 55 14.78 11.84 -7.63
N LYS G 56 14.58 11.74 -8.94
CA LYS G 56 13.23 11.78 -9.51
C LYS G 56 12.74 10.34 -9.65
N LEU G 57 11.48 10.12 -9.29
CA LEU G 57 10.92 8.78 -9.23
C LEU G 57 10.36 8.35 -10.57
N PHE G 58 10.62 7.09 -10.92
CA PHE G 58 9.94 6.40 -12.01
C PHE G 58 9.52 5.04 -11.48
N GLN G 59 8.25 4.66 -11.70
CA GLN G 59 7.69 3.48 -11.10
C GLN G 59 6.84 2.68 -12.07
N TYR G 60 6.85 1.36 -11.89
CA TYR G 60 6.00 0.45 -12.65
C TYR G 60 5.41 -0.59 -11.70
N ALA G 61 4.18 -1.01 -12.01
CA ALA G 61 3.52 -2.07 -11.27
C ALA G 61 2.54 -2.75 -12.21
N SER G 62 2.65 -4.07 -12.35
CA SER G 62 1.68 -4.81 -13.14
C SER G 62 0.26 -4.44 -12.70
N THR G 63 0.03 -4.38 -11.40
CA THR G 63 -1.26 -4.02 -10.83
C THR G 63 -1.09 -2.86 -9.85
N ASP G 64 -1.62 -3.00 -8.64
CA ASP G 64 -1.59 -1.92 -7.65
C ASP G 64 -0.21 -1.85 -7.01
N MET G 65 0.50 -0.74 -7.26
CA MET G 65 1.85 -0.61 -6.73
C MET G 65 1.88 -0.80 -5.22
N ASP G 66 1.13 0.03 -4.49
CA ASP G 66 1.24 0.04 -3.04
C ASP G 66 0.72 -1.25 -2.42
N LYS G 67 -0.22 -1.94 -3.07
CA LYS G 67 -0.65 -3.23 -2.56
C LYS G 67 0.50 -4.23 -2.55
N VAL G 68 1.40 -4.13 -3.52
CA VAL G 68 2.55 -5.04 -3.58
C VAL G 68 3.59 -4.64 -2.56
N LEU G 69 3.98 -3.37 -2.53
CA LEU G 69 4.95 -2.89 -1.56
C LEU G 69 4.51 -3.18 -0.14
N LEU G 70 3.19 -3.26 0.09
CA LEU G 70 2.69 -3.61 1.41
C LEU G 70 2.88 -5.10 1.70
N LYS G 71 2.25 -5.95 0.91
CA LYS G 71 2.51 -7.38 0.89
C LYS G 71 3.98 -7.68 1.15
N TYR G 72 4.87 -6.87 0.58
CA TYR G 72 6.30 -7.08 0.77
C TYR G 72 6.72 -6.86 2.21
N THR G 73 6.35 -5.70 2.78
CA THR G 73 6.75 -5.41 4.15
C THR G 73 6.25 -6.48 5.11
N GLU G 74 5.10 -7.08 4.83
CA GLU G 74 4.52 -8.06 5.71
C GLU G 74 5.16 -9.44 5.55
N TYR G 75 5.84 -9.68 4.43
CA TYR G 75 6.43 -11.00 4.17
C TYR G 75 7.46 -11.33 5.25
N ASN G 76 7.36 -12.54 5.80
CA ASN G 76 8.21 -12.94 6.92
C ASN G 76 9.09 -14.16 6.66
N GLU G 77 8.79 -14.97 5.64
CA GLU G 77 9.67 -16.07 5.31
C GLU G 77 10.97 -15.55 4.70
N PRO G 78 12.01 -16.38 4.64
CA PRO G 78 13.17 -16.04 3.79
C PRO G 78 12.83 -16.16 2.31
N HIS G 79 13.61 -15.46 1.49
CA HIS G 79 13.23 -15.27 0.09
C HIS G 79 14.42 -14.80 -0.71
N GLU G 80 14.36 -15.01 -2.03
CA GLU G 80 15.42 -14.56 -2.92
C GLU G 80 15.57 -13.05 -2.81
N SER G 81 16.81 -12.60 -2.61
CA SER G 81 17.12 -11.17 -2.47
C SER G 81 18.43 -10.92 -3.19
N ARG G 82 18.37 -10.30 -4.35
CA ARG G 82 19.55 -10.04 -5.16
C ARG G 82 19.94 -8.57 -5.09
N THR G 83 21.24 -8.31 -5.19
CA THR G 83 21.77 -6.97 -5.38
C THR G 83 22.60 -6.96 -6.66
N ASN G 84 23.04 -5.77 -7.06
CA ASN G 84 23.95 -5.69 -8.20
C ASN G 84 25.15 -6.59 -7.99
N ALA G 85 25.63 -6.70 -6.75
CA ALA G 85 26.77 -7.56 -6.44
C ALA G 85 26.44 -9.01 -6.73
N ASP G 86 25.28 -9.47 -6.27
CA ASP G 86 24.85 -10.85 -6.54
C ASP G 86 24.89 -11.16 -8.04
N ILE G 87 24.47 -10.19 -8.86
CA ILE G 87 24.32 -10.43 -10.29
C ILE G 87 25.67 -10.27 -10.99
N ILE G 88 26.47 -9.30 -10.56
CA ILE G 88 27.85 -9.23 -11.01
C ILE G 88 28.53 -10.59 -10.88
N GLU G 89 28.46 -11.17 -9.69
CA GLU G 89 29.15 -12.41 -9.37
C GLU G 89 28.41 -13.65 -9.88
N THR G 90 27.27 -13.49 -10.53
CA THR G 90 26.63 -14.58 -11.27
C THR G 90 26.93 -14.53 -12.75
N LEU G 91 27.23 -13.35 -13.28
CA LEU G 91 27.75 -13.20 -14.63
C LEU G 91 29.25 -13.31 -14.65
N ARG G 92 29.91 -13.00 -13.55
CA ARG G 92 31.35 -13.09 -13.65
C ARG G 92 31.75 -14.55 -13.51
N LYS G 93 31.02 -15.31 -12.68
CA LYS G 93 31.14 -16.78 -12.63
C LYS G 93 30.35 -17.41 -13.79
N LYS G 94 30.70 -16.98 -15.00
CA LYS G 94 30.03 -17.38 -16.23
C LYS G 94 30.90 -16.93 -17.41
N GLY G 95 32.02 -17.60 -17.61
CA GLY G 95 33.02 -17.17 -18.56
C GLY G 95 32.54 -17.00 -19.99
N PHE G 96 32.51 -15.76 -20.47
CA PHE G 96 32.02 -15.46 -21.81
C PHE G 96 33.01 -15.94 -22.87
N LYS H 7 9.62 -19.35 -33.00
CA LYS H 7 10.13 -19.45 -31.64
C LYS H 7 9.58 -18.33 -30.76
N LYS H 8 9.24 -17.20 -31.38
CA LYS H 8 8.68 -16.08 -30.62
C LYS H 8 7.37 -16.50 -29.98
N ILE H 9 6.97 -15.76 -28.95
CA ILE H 9 5.80 -16.11 -28.16
C ILE H 9 4.88 -14.91 -28.05
N GLN H 10 3.59 -15.20 -27.86
CA GLN H 10 2.61 -14.18 -27.51
C GLN H 10 2.66 -13.89 -26.02
N ILE H 11 2.50 -12.62 -25.67
CA ILE H 11 2.46 -12.21 -24.27
C ILE H 11 1.13 -12.64 -23.67
N GLN H 12 1.07 -13.87 -23.15
CA GLN H 12 -0.17 -14.47 -22.69
C GLN H 12 0.14 -15.56 -21.68
N ARG H 13 -0.77 -15.74 -20.73
CA ARG H 13 -0.56 -16.69 -19.65
C ARG H 13 -0.14 -18.07 -20.15
N ILE H 14 1.08 -18.48 -19.80
CA ILE H 14 1.54 -19.84 -20.04
C ILE H 14 0.64 -20.79 -19.27
N THR H 15 -0.22 -21.52 -19.98
CA THR H 15 -1.15 -22.41 -19.31
C THR H 15 -0.46 -23.65 -18.76
N ASP H 16 0.65 -24.07 -19.37
CA ASP H 16 1.42 -25.19 -18.85
C ASP H 16 2.08 -24.79 -17.52
N GLU H 17 2.23 -25.77 -16.63
CA GLU H 17 2.70 -25.48 -15.28
C GLU H 17 4.21 -25.44 -15.17
N ARG H 18 4.90 -26.45 -15.69
CA ARG H 18 6.35 -26.46 -15.62
C ARG H 18 6.99 -25.64 -16.75
N ASN H 19 6.18 -25.07 -17.65
CA ASN H 19 6.68 -24.04 -18.55
C ASN H 19 6.85 -22.71 -17.83
N ARG H 20 5.73 -22.14 -17.36
CA ARG H 20 5.77 -20.85 -16.68
C ARG H 20 6.79 -20.85 -15.55
N GLN H 21 6.85 -21.94 -14.78
CA GLN H 21 7.80 -22.08 -13.69
C GLN H 21 9.24 -22.17 -14.17
N VAL H 22 9.48 -22.16 -15.48
CA VAL H 22 10.83 -22.10 -16.03
C VAL H 22 11.09 -20.76 -16.69
N THR H 23 10.21 -20.34 -17.61
CA THR H 23 10.24 -18.99 -18.14
C THR H 23 10.42 -17.98 -17.01
N PHE H 24 9.53 -18.02 -16.03
CA PHE H 24 9.66 -17.24 -14.80
C PHE H 24 11.08 -17.27 -14.28
N THR H 25 11.52 -18.42 -13.79
CA THR H 25 12.78 -18.51 -13.07
C THR H 25 13.95 -17.93 -13.86
N LYS H 26 13.84 -17.81 -15.18
CA LYS H 26 14.90 -17.26 -16.00
C LYS H 26 14.58 -15.87 -16.54
N ARG H 27 13.37 -15.67 -17.07
CA ARG H 27 12.99 -14.33 -17.53
C ARG H 27 13.15 -13.31 -16.42
N LYS H 28 12.99 -13.73 -15.16
CA LYS H 28 13.12 -12.79 -14.06
C LYS H 28 14.59 -12.46 -13.77
N PHE H 29 15.48 -13.45 -13.87
CA PHE H 29 16.90 -13.11 -13.83
C PHE H 29 17.26 -12.14 -14.93
N GLY H 30 16.53 -12.16 -16.04
CA GLY H 30 16.72 -11.17 -17.08
C GLY H 30 16.36 -9.79 -16.56
N LEU H 31 15.14 -9.67 -16.04
CA LEU H 31 14.72 -8.41 -15.40
C LEU H 31 15.78 -7.91 -14.44
N MET H 32 16.24 -8.78 -13.53
CA MET H 32 17.27 -8.37 -12.57
C MET H 32 18.53 -7.93 -13.30
N LYS H 33 18.95 -8.68 -14.31
CA LYS H 33 20.07 -8.29 -15.17
C LYS H 33 19.82 -6.91 -15.76
N LYS H 34 18.79 -6.79 -16.61
CA LYS H 34 18.51 -5.51 -17.24
C LYS H 34 18.50 -4.38 -16.22
N ALA H 35 17.90 -4.63 -15.05
CA ALA H 35 17.93 -3.63 -13.98
C ALA H 35 19.35 -3.37 -13.52
N TYR H 36 20.06 -4.42 -13.12
CA TYR H 36 21.45 -4.25 -12.70
C TYR H 36 22.23 -3.39 -13.68
N GLU H 37 22.04 -3.62 -14.98
CA GLU H 37 22.77 -2.86 -16.00
C GLU H 37 22.33 -1.40 -15.98
N LEU H 38 21.04 -1.13 -16.14
CA LEU H 38 20.54 0.23 -16.07
C LEU H 38 21.00 0.92 -14.79
N SER H 39 20.88 0.22 -13.66
CA SER H 39 21.39 0.72 -12.39
C SER H 39 22.80 1.31 -12.52
N VAL H 40 23.72 0.54 -13.08
CA VAL H 40 25.11 0.96 -13.13
C VAL H 40 25.32 2.03 -14.19
N LEU H 41 24.92 1.74 -15.42
CA LEU H 41 25.13 2.65 -16.54
C LEU H 41 24.69 4.06 -16.18
N CYS H 42 23.40 4.26 -15.99
CA CYS H 42 22.82 5.58 -15.82
C CYS H 42 22.81 6.06 -14.37
N ASP H 43 23.53 5.37 -13.48
CA ASP H 43 23.66 5.80 -12.10
C ASP H 43 22.30 6.10 -11.49
N CYS H 44 21.63 5.05 -11.00
CA CYS H 44 20.29 5.20 -10.45
C CYS H 44 20.02 4.05 -9.50
N GLU H 45 19.08 4.29 -8.58
CA GLU H 45 18.68 3.31 -7.57
C GLU H 45 17.42 2.59 -8.04
N ILE H 46 17.43 1.27 -7.99
CA ILE H 46 16.34 0.47 -8.53
C ILE H 46 15.96 -0.62 -7.55
N ALA H 47 14.68 -0.99 -7.56
CA ALA H 47 14.14 -1.96 -6.62
C ALA H 47 13.03 -2.74 -7.29
N LEU H 48 13.16 -4.06 -7.31
CA LEU H 48 12.20 -4.97 -7.92
C LEU H 48 11.53 -5.81 -6.86
N ILE H 49 10.22 -6.02 -7.02
CA ILE H 49 9.46 -6.85 -6.11
C ILE H 49 8.55 -7.75 -6.94
N ILE H 50 8.68 -9.06 -6.78
CA ILE H 50 7.94 -10.03 -7.56
C ILE H 50 7.34 -11.04 -6.60
N PHE H 51 6.02 -11.17 -6.65
CA PHE H 51 5.31 -12.30 -6.05
C PHE H 51 4.87 -13.21 -7.18
N ASN H 52 5.13 -14.51 -7.07
CA ASN H 52 4.62 -15.42 -8.08
C ASN H 52 3.13 -15.63 -7.82
N HIS H 53 2.51 -16.58 -8.53
CA HIS H 53 1.07 -16.75 -8.35
C HIS H 53 0.75 -17.34 -6.97
N SER H 54 1.70 -18.04 -6.34
CA SER H 54 1.52 -18.58 -5.00
C SER H 54 2.20 -17.71 -3.94
N ASN H 55 2.34 -16.42 -4.23
CA ASN H 55 2.69 -15.42 -3.23
C ASN H 55 4.00 -15.74 -2.51
N LYS H 56 4.97 -16.26 -3.25
CA LYS H 56 6.34 -16.38 -2.78
C LYS H 56 7.12 -15.18 -3.27
N LEU H 57 7.87 -14.54 -2.38
CA LEU H 57 8.51 -13.28 -2.69
C LEU H 57 9.85 -13.48 -3.37
N PHE H 58 10.14 -12.60 -4.33
CA PHE H 58 11.45 -12.46 -4.93
C PHE H 58 11.72 -10.97 -5.05
N GLN H 59 12.94 -10.56 -4.72
CA GLN H 59 13.25 -9.14 -4.67
C GLN H 59 14.63 -8.87 -5.25
N TYR H 60 14.79 -7.65 -5.76
CA TYR H 60 16.08 -7.16 -6.21
C TYR H 60 16.17 -5.67 -5.83
N ALA H 61 17.38 -5.23 -5.51
CA ALA H 61 17.64 -3.82 -5.26
C ALA H 61 19.08 -3.55 -5.61
N SER H 62 19.32 -2.53 -6.44
CA SER H 62 20.69 -2.14 -6.76
C SER H 62 21.52 -2.00 -5.48
N THR H 63 20.97 -1.30 -4.48
CA THR H 63 21.68 -1.08 -3.24
C THR H 63 20.80 -1.58 -2.10
N ASP H 64 20.43 -0.75 -1.14
CA ASP H 64 19.60 -1.14 0.00
C ASP H 64 18.14 -1.10 -0.43
N MET H 65 17.46 -2.24 -0.34
CA MET H 65 16.02 -2.26 -0.64
C MET H 65 15.26 -1.34 0.28
N ASP H 66 15.56 -1.39 1.59
CA ASP H 66 14.82 -0.58 2.54
C ASP H 66 14.97 0.91 2.24
N LYS H 67 16.21 1.35 2.01
CA LYS H 67 16.47 2.76 1.76
C LYS H 67 15.65 3.27 0.59
N VAL H 68 15.48 2.44 -0.44
CA VAL H 68 14.72 2.85 -1.61
C VAL H 68 13.24 2.87 -1.32
N LEU H 69 12.71 1.82 -0.69
CA LEU H 69 11.30 1.76 -0.34
C LEU H 69 10.91 2.91 0.58
N LEU H 70 11.84 3.39 1.41
CA LEU H 70 11.58 4.56 2.24
C LEU H 70 11.47 5.79 1.36
N LYS H 71 12.57 6.16 0.72
CA LYS H 71 12.61 7.22 -0.29
C LYS H 71 11.31 7.28 -1.08
N TYR H 72 10.77 6.11 -1.43
CA TYR H 72 9.53 6.07 -2.21
C TYR H 72 8.36 6.58 -1.38
N THR H 73 8.21 6.10 -0.15
CA THR H 73 7.08 6.56 0.66
C THR H 73 7.20 8.04 1.00
N GLU H 74 8.42 8.58 1.03
CA GLU H 74 8.58 10.00 1.27
C GLU H 74 8.19 10.83 0.05
N TYR H 75 8.38 10.28 -1.15
CA TYR H 75 8.22 11.04 -2.38
C TYR H 75 6.84 11.69 -2.45
N ASN H 76 6.82 12.98 -2.77
CA ASN H 76 5.61 13.78 -2.76
C ASN H 76 5.28 14.42 -4.10
N GLU H 77 6.26 14.60 -4.99
CA GLU H 77 6.04 15.18 -6.29
C GLU H 77 5.29 14.19 -7.19
N PRO H 78 4.84 14.64 -8.36
CA PRO H 78 4.36 13.68 -9.37
C PRO H 78 5.53 12.99 -10.08
N HIS H 79 5.23 11.82 -10.65
CA HIS H 79 6.27 10.95 -11.17
C HIS H 79 5.70 9.99 -12.20
N GLU H 80 6.62 9.38 -12.97
CA GLU H 80 6.21 8.39 -13.96
C GLU H 80 5.62 7.17 -13.27
N SER H 81 4.43 6.76 -13.71
CA SER H 81 3.65 5.74 -13.00
C SER H 81 2.94 4.87 -14.03
N ARG H 82 3.59 3.78 -14.40
CA ARG H 82 3.10 2.90 -15.46
C ARG H 82 2.41 1.67 -14.88
N THR H 83 1.52 1.09 -15.69
CA THR H 83 0.91 -0.20 -15.40
C THR H 83 1.04 -1.07 -16.64
N ASN H 84 0.56 -2.31 -16.55
CA ASN H 84 0.45 -3.14 -17.75
C ASN H 84 -0.39 -2.45 -18.81
N ALA H 85 -1.46 -1.78 -18.41
CA ALA H 85 -2.30 -1.05 -19.35
C ALA H 85 -1.47 -0.01 -20.11
N ASP H 86 -0.80 0.88 -19.39
CA ASP H 86 0.00 1.92 -20.01
C ASP H 86 0.92 1.34 -21.09
N ILE H 87 1.49 0.17 -20.83
CA ILE H 87 2.49 -0.40 -21.74
C ILE H 87 1.81 -1.14 -22.88
N ILE H 88 0.68 -1.80 -22.60
CA ILE H 88 -0.17 -2.31 -23.66
C ILE H 88 -0.43 -1.21 -24.68
N GLU H 89 -0.96 -0.08 -24.22
CA GLU H 89 -1.39 1.01 -25.08
C GLU H 89 -0.22 1.86 -25.58
N THR H 90 1.02 1.53 -25.19
CA THR H 90 2.21 2.14 -25.78
C THR H 90 2.86 1.25 -26.81
N LEU H 91 2.62 -0.06 -26.74
CA LEU H 91 3.00 -0.98 -27.80
C LEU H 91 1.88 -1.20 -28.81
N ARG H 92 0.62 -0.99 -28.40
CA ARG H 92 -0.49 -1.06 -29.34
C ARG H 92 -0.50 0.15 -30.27
N LYS H 93 -0.15 1.32 -29.73
CA LYS H 93 0.04 2.52 -30.55
C LYS H 93 1.48 2.57 -31.06
N LYS H 94 1.86 1.52 -31.77
CA LYS H 94 3.22 1.38 -32.28
C LYS H 94 3.31 0.27 -33.33
N GLY H 95 3.10 0.62 -34.58
CA GLY H 95 3.17 -0.34 -35.66
C GLY H 95 2.71 0.19 -37.00
#